data_6VV1
#
_entry.id   6VV1
#
_cell.length_a   175.329
_cell.length_b   175.329
_cell.length_c   124.229
_cell.angle_alpha   90.000
_cell.angle_beta   90.000
_cell.angle_gamma   120.000
#
_symmetry.space_group_name_H-M   'H 3 2'
#
loop_
_entity.id
_entity.type
_entity.pdbx_description
1 polymer 'N-acetyltransferase Eis'
2 non-polymer 2-[(4-amino-6,7-dihydro-5H-cyclopenta[4,5]thieno[2,3-d]pyrimidin-2-yl)sulfanyl]-N-[2-(piperidin-1-yl)ethyl]acetamide
3 non-polymer DI(HYDROXYETHYL)ETHER
4 non-polymer GLYCEROL
5 non-polymer 'SULFATE ION'
6 non-polymer 'DIMETHYL SULFOXIDE'
7 non-polymer 'SODIUM ION'
8 water water
#
_entity_poly.entity_id   1
_entity_poly.type   'polypeptide(L)'
_entity_poly.pdbx_seq_one_letter_code
;MGSSHHHHHHSSGLVPRGSHMTVTLCSPTEDDWPGMFLLAAASFTDFIGPESATAWRTLVPTDGAVVVRDGAGPGSEVVG
MALYMDLRLTVPGEVVLPTAGLSFVAVAPTHRRRGLLRAMCAELHRRIADSGYPVAALHASEGGIYGRFGYGPATTLHEL
TVDRRFARFHADAPGGGLGGSSVRLVRPTEHRGEFEAIYERWRQQVPGGLLRPQVLWDELLAEAKAAPGGDRESFALLHP
DGYALYRVDRTDLKLARVSELRAVTADAHCALWRALIGLDSMERISIITHPQDPLPHLLTDTRLARTTWRQDGLWLRIMN
VPAALEARGYAHEVGEFSTVLEVSDGGRFALKIGDGRARCTPTDAAAEIEMDRDVLGSLYLGAHRASTLAAANRLRTKDS
QLLRRLDAAFASDVPVQTAFEF
;
_entity_poly.pdbx_strand_id   A
#
loop_
_chem_comp.id
_chem_comp.type
_chem_comp.name
_chem_comp.formula
DMS non-polymer 'DIMETHYL SULFOXIDE' 'C2 H6 O S'
GOL non-polymer GLYCEROL 'C3 H8 O3'
NA non-polymer 'SODIUM ION' 'Na 1'
PEG non-polymer DI(HYDROXYETHYL)ETHER 'C4 H10 O3'
RMJ non-polymer 2-[(4-amino-6,7-dihydro-5H-cyclopenta[4,5]thieno[2,3-d]pyrimidin-2-yl)sulfanyl]-N-[2-(piperidin-1-yl)ethyl]acetamide 'C18 H25 N5 O S2'
SO4 non-polymer 'SULFATE ION' 'O4 S -2'
#
# COMPACT_ATOMS: atom_id res chain seq x y z
N VAL A 23 32.47 -12.01 3.54
CA VAL A 23 31.00 -11.72 3.62
C VAL A 23 30.77 -10.85 4.88
N THR A 24 31.05 -9.55 4.78
CA THR A 24 30.84 -8.53 5.84
C THR A 24 29.65 -7.62 5.45
N LEU A 25 29.02 -6.98 6.44
CA LEU A 25 27.79 -6.16 6.28
C LEU A 25 28.12 -4.69 6.61
N CYS A 26 27.89 -3.77 5.66
CA CYS A 26 28.30 -2.33 5.74
C CYS A 26 27.25 -1.43 5.08
N SER A 27 27.17 -0.16 5.50
CA SER A 27 26.49 0.93 4.76
C SER A 27 27.24 1.20 3.46
N PRO A 28 26.54 1.33 2.31
CA PRO A 28 27.22 1.59 1.06
C PRO A 28 27.85 2.99 1.06
N THR A 29 28.94 3.16 0.31
CA THR A 29 29.55 4.45 -0.09
C THR A 29 29.10 4.73 -1.52
N GLU A 30 29.39 5.91 -2.07
CA GLU A 30 28.98 6.30 -3.44
C GLU A 30 29.57 5.30 -4.45
N ASP A 31 30.73 4.70 -4.15
CA ASP A 31 31.46 3.74 -5.02
C ASP A 31 30.69 2.41 -5.15
N ASP A 32 29.84 2.09 -4.17
CA ASP A 32 29.10 0.80 -4.10
C ASP A 32 27.85 0.85 -5.01
N TRP A 33 27.36 2.03 -5.35
CA TRP A 33 26.03 2.16 -5.99
C TRP A 33 26.05 1.56 -7.40
N PRO A 34 27.13 1.72 -8.21
CA PRO A 34 27.19 1.06 -9.52
C PRO A 34 27.06 -0.47 -9.43
N GLY A 35 27.68 -1.08 -8.41
CA GLY A 35 27.55 -2.51 -8.08
C GLY A 35 26.14 -2.87 -7.64
N MET A 36 25.46 -1.95 -6.94
CA MET A 36 24.07 -2.13 -6.46
C MET A 36 23.11 -2.06 -7.67
N PHE A 37 23.32 -1.12 -8.57
CA PHE A 37 22.51 -0.97 -9.81
C PHE A 37 22.65 -2.22 -10.70
N LEU A 38 23.85 -2.83 -10.74
CA LEU A 38 24.09 -4.08 -11.50
C LEU A 38 23.23 -5.20 -10.90
N LEU A 39 23.34 -5.40 -9.58
CA LEU A 39 22.55 -6.43 -8.87
C LEU A 39 21.04 -6.13 -9.05
N ALA A 40 20.68 -4.85 -9.09
CA ALA A 40 19.28 -4.39 -9.31
C ALA A 40 18.79 -4.86 -10.69
N ALA A 41 19.51 -4.50 -11.75
CA ALA A 41 19.21 -4.89 -13.14
C ALA A 41 19.04 -6.41 -13.25
N ALA A 42 19.85 -7.19 -12.54
CA ALA A 42 19.88 -8.67 -12.63
C ALA A 42 18.80 -9.30 -11.76
N SER A 43 18.21 -8.56 -10.81
CA SER A 43 17.30 -9.11 -9.78
C SER A 43 15.85 -8.68 -10.04
N PHE A 44 15.65 -7.50 -10.64
CA PHE A 44 14.32 -6.86 -10.84
C PHE A 44 14.12 -6.57 -12.33
N THR A 45 13.14 -7.22 -12.96
CA THR A 45 12.87 -7.11 -14.42
C THR A 45 12.33 -5.70 -14.71
N ASP A 46 11.56 -5.14 -13.78
CA ASP A 46 10.85 -3.84 -13.96
C ASP A 46 11.75 -2.66 -13.57
N PHE A 47 13.08 -2.83 -13.58
CA PHE A 47 14.05 -1.79 -13.12
C PHE A 47 14.32 -0.80 -14.26
N ILE A 48 13.86 0.45 -14.10
CA ILE A 48 13.99 1.51 -15.14
C ILE A 48 15.48 1.73 -15.42
N GLY A 49 16.25 2.13 -14.39
CA GLY A 49 17.70 2.34 -14.50
C GLY A 49 18.21 3.39 -13.51
N PRO A 50 19.53 3.66 -13.50
CA PRO A 50 20.14 4.57 -12.51
C PRO A 50 19.59 6.00 -12.48
N GLU A 51 19.16 6.52 -13.63
CA GLU A 51 18.66 7.93 -13.79
C GLU A 51 17.38 8.12 -12.97
N SER A 52 16.48 7.14 -12.99
CA SER A 52 15.19 7.19 -12.25
C SER A 52 15.44 6.86 -10.77
N ALA A 53 16.56 6.16 -10.50
CA ALA A 53 17.01 5.77 -9.15
C ALA A 53 17.42 7.00 -8.33
N THR A 54 17.90 8.06 -8.99
CA THR A 54 18.22 9.38 -8.37
C THR A 54 17.00 9.86 -7.57
N ALA A 55 15.81 9.85 -8.17
CA ALA A 55 14.55 10.28 -7.53
C ALA A 55 14.33 9.50 -6.23
N TRP A 56 14.43 8.17 -6.28
CA TRP A 56 14.04 7.29 -5.14
C TRP A 56 15.10 7.37 -4.04
N ARG A 57 16.37 7.53 -4.45
CA ARG A 57 17.54 7.68 -3.55
C ARG A 57 17.32 8.85 -2.57
N THR A 58 16.62 9.91 -2.97
CA THR A 58 16.40 11.12 -2.11
C THR A 58 15.52 10.74 -0.91
N LEU A 59 14.79 9.62 -0.97
CA LEU A 59 13.90 9.13 0.12
C LEU A 59 14.67 8.19 1.06
N VAL A 60 15.88 7.81 0.70
CA VAL A 60 16.72 6.91 1.54
C VAL A 60 17.51 7.79 2.51
N PRO A 61 17.29 7.69 3.84
CA PRO A 61 18.12 8.44 4.78
C PRO A 61 19.56 7.93 4.80
N THR A 62 20.49 8.79 5.21
CA THR A 62 21.83 8.41 5.71
C THR A 62 21.69 7.17 6.60
N ASP A 63 22.41 6.10 6.31
CA ASP A 63 22.34 4.83 7.11
C ASP A 63 21.03 4.07 6.86
N GLY A 64 20.33 4.37 5.77
CA GLY A 64 19.12 3.65 5.35
C GLY A 64 19.42 2.41 4.52
N ALA A 65 20.67 2.19 4.11
CA ALA A 65 21.07 1.11 3.18
C ALA A 65 22.16 0.23 3.80
N VAL A 66 22.07 -1.08 3.58
CA VAL A 66 23.16 -2.06 3.83
C VAL A 66 23.48 -2.80 2.53
N VAL A 67 24.76 -3.12 2.35
CA VAL A 67 25.32 -3.94 1.23
C VAL A 67 26.15 -5.03 1.87
N VAL A 68 26.22 -6.19 1.21
CA VAL A 68 27.21 -7.27 1.50
C VAL A 68 28.17 -7.35 0.31
N ARG A 69 29.47 -7.16 0.57
CA ARG A 69 30.56 -7.38 -0.42
C ARG A 69 31.15 -8.78 -0.17
N ASP A 70 31.71 -9.40 -1.20
CA ASP A 70 32.44 -10.69 -1.10
C ASP A 70 33.94 -10.41 -1.24
N GLY A 71 34.68 -10.44 -0.13
CA GLY A 71 36.13 -10.21 -0.07
C GLY A 71 36.49 -8.74 -0.28
N SER A 76 36.09 -5.68 -4.57
CA SER A 76 35.07 -6.76 -4.38
C SER A 76 33.68 -6.24 -4.76
N GLU A 77 32.82 -7.13 -5.29
CA GLU A 77 31.49 -6.80 -5.84
C GLU A 77 30.40 -6.90 -4.75
N VAL A 78 29.24 -6.30 -5.03
CA VAL A 78 28.03 -6.30 -4.15
C VAL A 78 27.24 -7.58 -4.44
N VAL A 79 27.03 -8.41 -3.40
CA VAL A 79 26.30 -9.72 -3.50
C VAL A 79 24.96 -9.64 -2.75
N GLY A 80 24.75 -8.56 -2.01
CA GLY A 80 23.56 -8.40 -1.14
C GLY A 80 23.29 -6.94 -0.89
N MET A 81 22.03 -6.54 -0.92
CA MET A 81 21.65 -5.15 -0.59
C MET A 81 20.22 -5.13 -0.04
N ALA A 82 19.91 -4.09 0.72
CA ALA A 82 18.59 -3.79 1.30
C ALA A 82 18.61 -2.33 1.76
N LEU A 83 17.49 -1.63 1.62
CA LEU A 83 17.36 -0.26 2.16
C LEU A 83 15.93 0.01 2.60
N TYR A 84 15.74 1.10 3.33
CA TYR A 84 14.39 1.61 3.65
C TYR A 84 14.33 3.07 3.22
N MET A 85 13.12 3.51 2.91
CA MET A 85 12.86 4.92 2.57
C MET A 85 12.01 5.53 3.69
N ASP A 86 12.19 6.83 3.92
CA ASP A 86 11.35 7.61 4.84
C ASP A 86 9.98 7.88 4.19
N LEU A 87 8.93 7.25 4.69
CA LEU A 87 7.54 7.38 4.17
C LEU A 87 6.63 7.92 5.27
N ARG A 88 5.44 8.41 4.88
CA ARG A 88 4.37 8.85 5.80
C ARG A 88 3.08 8.09 5.43
N LEU A 89 2.60 7.26 6.34
CA LEU A 89 1.48 6.32 6.12
C LEU A 89 0.28 6.74 6.95
N THR A 90 -0.84 7.03 6.30
CA THR A 90 -2.14 7.31 6.95
C THR A 90 -2.68 5.99 7.47
N VAL A 91 -3.14 5.97 8.73
CA VAL A 91 -3.75 4.78 9.37
C VAL A 91 -5.14 5.21 9.83
N PRO A 92 -6.04 4.30 10.26
CA PRO A 92 -7.39 4.67 10.67
C PRO A 92 -7.41 5.77 11.75
N GLY A 93 -8.36 6.71 11.64
CA GLY A 93 -8.43 7.93 12.46
C GLY A 93 -7.71 9.10 11.79
N GLU A 94 -7.32 8.95 10.52
CA GLU A 94 -6.64 10.02 9.72
C GLU A 94 -5.32 10.41 10.41
N VAL A 95 -4.69 9.47 11.10
CA VAL A 95 -3.37 9.67 11.77
C VAL A 95 -2.28 9.27 10.77
N VAL A 96 -1.25 10.09 10.64
CA VAL A 96 -0.06 9.85 9.76
C VAL A 96 1.11 9.36 10.62
N LEU A 97 1.65 8.18 10.34
CA LEU A 97 2.82 7.59 11.02
C LEU A 97 4.08 7.71 10.17
N PRO A 98 5.25 8.06 10.76
CA PRO A 98 6.52 7.85 10.08
C PRO A 98 6.69 6.34 9.83
N THR A 99 7.02 5.95 8.61
CA THR A 99 7.08 4.54 8.17
C THR A 99 8.40 4.31 7.44
N ALA A 100 9.12 3.26 7.81
CA ALA A 100 10.30 2.76 7.08
C ALA A 100 9.79 1.85 5.95
N GLY A 101 9.93 2.30 4.72
CA GLY A 101 9.53 1.52 3.53
C GLY A 101 10.68 0.70 3.01
N LEU A 102 10.71 -0.61 3.29
CA LEU A 102 11.76 -1.54 2.81
C LEU A 102 11.65 -1.68 1.29
N SER A 103 12.79 -1.72 0.61
CA SER A 103 12.87 -1.81 -0.86
C SER A 103 14.28 -2.17 -1.31
N PHE A 104 14.42 -2.46 -2.61
CA PHE A 104 15.73 -2.69 -3.27
C PHE A 104 16.46 -3.82 -2.55
N VAL A 105 15.71 -4.82 -2.06
CA VAL A 105 16.24 -6.01 -1.33
C VAL A 105 16.61 -7.08 -2.36
N ALA A 106 17.87 -7.50 -2.42
CA ALA A 106 18.36 -8.47 -3.43
C ALA A 106 19.56 -9.22 -2.89
N VAL A 107 19.57 -10.53 -3.10
CA VAL A 107 20.76 -11.39 -2.94
C VAL A 107 21.15 -11.92 -4.32
N ALA A 108 22.42 -11.78 -4.68
CA ALA A 108 23.04 -12.32 -5.91
C ALA A 108 22.69 -13.81 -6.06
N PRO A 109 22.39 -14.28 -7.29
CA PRO A 109 22.07 -15.69 -7.53
C PRO A 109 23.26 -16.58 -7.18
N THR A 110 24.45 -15.99 -7.12
CA THR A 110 25.74 -16.65 -6.78
C THR A 110 25.86 -16.91 -5.28
N HIS A 111 25.03 -16.28 -4.42
CA HIS A 111 25.16 -16.29 -2.94
C HIS A 111 23.83 -16.61 -2.23
N ARG A 112 22.93 -17.34 -2.87
CA ARG A 112 21.68 -17.87 -2.24
C ARG A 112 22.03 -18.79 -1.05
N ARG A 113 21.02 -19.05 -0.19
CA ARG A 113 21.04 -20.04 0.93
C ARG A 113 22.29 -19.86 1.79
N ARG A 114 22.70 -18.61 2.03
CA ARG A 114 23.92 -18.23 2.80
C ARG A 114 23.56 -17.29 3.96
N GLY A 115 22.26 -17.05 4.20
CA GLY A 115 21.75 -16.25 5.32
C GLY A 115 22.03 -14.76 5.18
N LEU A 116 22.20 -14.26 3.94
CA LEU A 116 22.50 -12.83 3.67
C LEU A 116 21.25 -11.96 3.92
N LEU A 117 20.08 -12.43 3.50
CA LEU A 117 18.79 -11.72 3.72
C LEU A 117 18.53 -11.57 5.22
N ARG A 118 18.59 -12.67 5.97
CA ARG A 118 18.36 -12.73 7.44
C ARG A 118 19.29 -11.72 8.13
N ALA A 119 20.55 -11.63 7.69
CA ALA A 119 21.58 -10.73 8.24
C ALA A 119 21.24 -9.28 7.89
N MET A 120 20.90 -8.98 6.63
CA MET A 120 20.58 -7.60 6.19
C MET A 120 19.27 -7.11 6.83
N CYS A 121 18.24 -7.96 6.91
CA CYS A 121 16.92 -7.62 7.49
C CYS A 121 17.05 -7.42 9.01
N ALA A 122 17.95 -8.15 9.67
CA ALA A 122 18.21 -7.99 11.12
C ALA A 122 18.83 -6.60 11.37
N GLU A 123 19.81 -6.21 10.55
CA GLU A 123 20.53 -4.92 10.68
C GLU A 123 19.58 -3.76 10.40
N LEU A 124 18.83 -3.79 9.30
CA LEU A 124 17.91 -2.68 8.95
C LEU A 124 16.85 -2.54 10.05
N HIS A 125 16.25 -3.64 10.53
CA HIS A 125 15.20 -3.59 11.59
C HIS A 125 15.77 -2.96 12.87
N ARG A 126 17.03 -3.25 13.19
CA ARG A 126 17.78 -2.64 14.32
C ARG A 126 17.78 -1.12 14.12
N ARG A 127 18.23 -0.66 12.96
CA ARG A 127 18.37 0.78 12.61
C ARG A 127 16.99 1.45 12.56
N ILE A 128 15.97 0.75 12.07
CA ILE A 128 14.59 1.28 11.95
C ILE A 128 14.03 1.50 13.36
N ALA A 129 14.11 0.48 14.21
CA ALA A 129 13.65 0.50 15.63
C ALA A 129 14.39 1.60 16.40
N ASP A 130 15.73 1.66 16.30
CA ASP A 130 16.59 2.64 17.02
C ASP A 130 16.30 4.07 16.54
N SER A 131 15.84 4.24 15.30
CA SER A 131 15.52 5.56 14.70
C SER A 131 14.15 6.04 15.18
N GLY A 132 13.35 5.15 15.77
CA GLY A 132 12.04 5.51 16.36
C GLY A 132 10.87 5.44 15.38
N TYR A 133 10.99 4.65 14.31
CA TYR A 133 9.86 4.32 13.40
C TYR A 133 8.95 3.34 14.14
N PRO A 134 7.64 3.64 14.28
CA PRO A 134 6.72 2.69 14.90
C PRO A 134 6.36 1.50 14.00
N VAL A 135 6.38 1.70 12.68
CA VAL A 135 6.04 0.63 11.69
C VAL A 135 7.02 0.67 10.52
N ALA A 136 7.27 -0.51 9.95
CA ALA A 136 7.95 -0.73 8.66
C ALA A 136 6.93 -1.30 7.68
N ALA A 137 7.12 -1.04 6.39
CA ALA A 137 6.20 -1.46 5.31
C ALA A 137 7.01 -1.91 4.08
N LEU A 138 6.44 -2.84 3.31
CA LEU A 138 7.01 -3.26 1.99
C LEU A 138 5.90 -3.80 1.09
N HIS A 139 6.22 -3.86 -0.21
CA HIS A 139 5.47 -4.59 -1.26
C HIS A 139 6.23 -5.90 -1.51
N ALA A 140 5.57 -7.04 -1.39
CA ALA A 140 6.23 -8.37 -1.44
C ALA A 140 6.36 -8.86 -2.88
N SER A 141 7.58 -9.16 -3.32
CA SER A 141 7.89 -9.80 -4.63
C SER A 141 7.31 -11.22 -4.66
N GLU A 142 7.34 -11.91 -3.52
CA GLU A 142 6.67 -13.23 -3.31
C GLU A 142 6.06 -13.25 -1.90
N GLY A 143 4.91 -13.95 -1.75
CA GLY A 143 4.12 -13.93 -0.50
C GLY A 143 4.61 -14.92 0.56
N GLY A 144 5.73 -15.62 0.35
CA GLY A 144 6.21 -16.71 1.23
C GLY A 144 7.44 -16.32 2.06
N ILE A 145 8.01 -15.14 1.80
CA ILE A 145 9.31 -14.70 2.37
C ILE A 145 9.07 -13.92 3.67
N TYR A 146 8.15 -12.95 3.67
CA TYR A 146 8.22 -11.79 4.61
C TYR A 146 7.50 -12.08 5.93
N GLY A 147 6.61 -13.06 5.98
CA GLY A 147 5.95 -13.50 7.24
C GLY A 147 6.93 -13.73 8.39
N ARG A 148 8.07 -14.39 8.14
CA ARG A 148 8.97 -14.79 9.25
C ARG A 148 9.86 -13.62 9.71
N PHE A 149 9.90 -12.51 8.97
CA PHE A 149 10.55 -11.25 9.43
C PHE A 149 9.52 -10.33 10.11
N GLY A 150 8.29 -10.80 10.33
CA GLY A 150 7.25 -10.09 11.11
C GLY A 150 6.31 -9.23 10.26
N TYR A 151 6.37 -9.30 8.93
CA TYR A 151 5.47 -8.56 8.00
C TYR A 151 4.20 -9.36 7.73
N GLY A 152 3.04 -8.74 7.90
CA GLY A 152 1.74 -9.32 7.55
C GLY A 152 1.10 -8.50 6.44
N PRO A 153 0.39 -9.14 5.48
CA PRO A 153 -0.30 -8.40 4.43
C PRO A 153 -1.45 -7.59 5.04
N ALA A 154 -1.53 -6.30 4.71
CA ALA A 154 -2.34 -5.29 5.42
C ALA A 154 -3.37 -4.63 4.50
N THR A 155 -3.10 -4.57 3.18
CA THR A 155 -4.05 -4.08 2.13
C THR A 155 -4.22 -5.15 1.06
N THR A 156 -5.33 -5.10 0.32
CA THR A 156 -5.70 -6.07 -0.75
C THR A 156 -5.92 -5.31 -2.06
N LEU A 157 -5.19 -5.69 -3.10
CA LEU A 157 -5.35 -5.20 -4.49
C LEU A 157 -6.43 -6.04 -5.19
N HIS A 158 -7.33 -5.37 -5.89
CA HIS A 158 -8.55 -5.93 -6.51
C HIS A 158 -8.59 -5.39 -7.94
N GLU A 159 -8.32 -6.22 -8.95
CA GLU A 159 -8.48 -5.78 -10.36
C GLU A 159 -9.94 -5.96 -10.77
N LEU A 160 -10.60 -4.86 -11.15
CA LEU A 160 -11.92 -4.87 -11.83
C LEU A 160 -11.71 -4.62 -13.32
N THR A 161 -12.26 -5.49 -14.16
CA THR A 161 -12.40 -5.27 -15.62
C THR A 161 -13.88 -5.03 -15.92
N VAL A 162 -14.21 -3.90 -16.54
CA VAL A 162 -15.61 -3.58 -16.98
C VAL A 162 -15.72 -3.83 -18.49
N ASP A 163 -16.62 -4.71 -18.95
CA ASP A 163 -17.01 -4.69 -20.38
C ASP A 163 -17.94 -3.49 -20.55
N ARG A 164 -17.39 -2.35 -20.97
CA ARG A 164 -18.07 -1.03 -20.96
C ARG A 164 -19.11 -0.93 -22.08
N ARG A 165 -19.20 -1.92 -22.97
CA ARG A 165 -20.22 -1.93 -24.06
C ARG A 165 -21.62 -2.22 -23.49
N PHE A 166 -21.72 -2.93 -22.37
CA PHE A 166 -23.01 -3.26 -21.70
C PHE A 166 -23.29 -2.32 -20.52
N ALA A 167 -22.31 -1.52 -20.10
CA ALA A 167 -22.38 -0.74 -18.84
C ALA A 167 -23.39 0.39 -19.00
N ARG A 168 -24.45 0.33 -18.21
CA ARG A 168 -25.47 1.41 -18.04
C ARG A 168 -25.42 1.81 -16.56
N PHE A 169 -25.36 3.10 -16.28
CA PHE A 169 -25.42 3.63 -14.89
C PHE A 169 -26.84 3.49 -14.34
N HIS A 170 -26.94 3.29 -13.03
CA HIS A 170 -28.21 3.10 -12.27
C HIS A 170 -28.89 4.46 -12.15
N ALA A 171 -30.22 4.48 -12.12
CA ALA A 171 -31.04 5.70 -11.90
C ALA A 171 -30.52 6.44 -10.66
N ASP A 172 -30.10 5.70 -9.62
CA ASP A 172 -29.68 6.24 -8.30
C ASP A 172 -28.29 6.90 -8.36
N ALA A 173 -27.49 6.64 -9.40
CA ALA A 173 -26.07 7.05 -9.49
C ALA A 173 -25.99 8.57 -9.66
N PRO A 174 -25.08 9.27 -8.93
CA PRO A 174 -24.93 10.73 -9.09
C PRO A 174 -24.43 11.11 -10.50
N GLY A 175 -24.88 12.24 -11.01
CA GLY A 175 -24.48 12.80 -12.33
C GLY A 175 -25.35 12.29 -13.47
N GLY A 176 -26.61 11.93 -13.17
CA GLY A 176 -27.60 11.47 -14.16
C GLY A 176 -27.98 12.60 -15.11
N GLY A 177 -28.42 13.73 -14.56
CA GLY A 177 -28.82 14.95 -15.30
C GLY A 177 -27.69 15.47 -16.17
N LEU A 178 -27.98 15.70 -17.46
CA LEU A 178 -27.00 16.18 -18.49
C LEU A 178 -27.01 17.71 -18.51
N GLY A 179 -26.83 18.35 -17.35
CA GLY A 179 -26.66 19.81 -17.19
C GLY A 179 -25.32 20.29 -17.72
N GLY A 180 -24.34 19.38 -17.79
CA GLY A 180 -22.96 19.63 -18.27
C GLY A 180 -21.96 18.79 -17.51
N SER A 181 -21.01 18.14 -18.20
CA SER A 181 -19.96 17.31 -17.57
C SER A 181 -18.93 18.22 -16.89
N SER A 182 -18.63 17.91 -15.61
CA SER A 182 -17.64 18.61 -14.77
C SER A 182 -16.25 17.99 -14.95
N VAL A 183 -16.12 16.95 -15.81
CA VAL A 183 -14.84 16.20 -16.05
C VAL A 183 -14.22 16.66 -17.39
N ARG A 184 -12.91 16.85 -17.40
CA ARG A 184 -12.16 17.28 -18.61
C ARG A 184 -11.14 16.20 -18.99
N LEU A 185 -10.98 15.96 -20.29
CA LEU A 185 -9.89 15.12 -20.86
C LEU A 185 -8.67 16.02 -21.08
N VAL A 186 -7.51 15.68 -20.48
CA VAL A 186 -6.31 16.57 -20.46
C VAL A 186 -5.01 15.75 -20.58
N ARG A 187 -3.93 16.44 -20.96
CA ARG A 187 -2.54 15.92 -20.92
C ARG A 187 -2.07 15.98 -19.48
N PRO A 188 -1.61 14.84 -18.90
CA PRO A 188 -1.15 14.82 -17.51
C PRO A 188 -0.18 15.95 -17.13
N THR A 189 0.83 16.21 -17.96
CA THR A 189 1.97 17.11 -17.63
C THR A 189 1.50 18.55 -17.43
N GLU A 190 0.35 18.93 -18.01
CA GLU A 190 -0.14 20.34 -18.04
C GLU A 190 -1.04 20.62 -16.84
N HIS A 191 -1.30 19.63 -15.99
CA HIS A 191 -2.23 19.71 -14.82
C HIS A 191 -1.64 18.97 -13.61
N ARG A 192 -0.31 18.96 -13.48
CA ARG A 192 0.45 18.37 -12.34
C ARG A 192 -0.03 18.98 -11.03
N GLY A 193 0.00 20.31 -10.92
CA GLY A 193 -0.47 21.06 -9.74
C GLY A 193 -1.80 20.55 -9.21
N GLU A 194 -2.78 20.32 -10.09
CA GLU A 194 -4.14 19.87 -9.71
C GLU A 194 -4.10 18.42 -9.23
N PHE A 195 -3.33 17.56 -9.88
CA PHE A 195 -3.23 16.13 -9.50
C PHE A 195 -2.65 16.04 -8.09
N GLU A 196 -1.54 16.74 -7.87
CA GLU A 196 -0.83 16.85 -6.57
C GLU A 196 -1.83 17.22 -5.47
N ALA A 197 -2.60 18.29 -5.67
CA ALA A 197 -3.54 18.83 -4.66
C ALA A 197 -4.61 17.80 -4.34
N ILE A 198 -5.12 17.08 -5.35
CA ILE A 198 -6.20 16.07 -5.16
C ILE A 198 -5.60 14.88 -4.40
N TYR A 199 -4.43 14.41 -4.82
CA TYR A 199 -3.73 13.27 -4.19
C TYR A 199 -3.49 13.62 -2.72
N GLU A 200 -2.94 14.81 -2.44
CA GLU A 200 -2.59 15.26 -1.07
C GLU A 200 -3.85 15.19 -0.19
N ARG A 201 -5.00 15.66 -0.69
CA ARG A 201 -6.29 15.58 0.02
C ARG A 201 -6.66 14.10 0.24
N TRP A 202 -6.52 13.28 -0.78
CA TRP A 202 -6.90 11.83 -0.76
C TRP A 202 -6.07 11.09 0.29
N ARG A 203 -4.76 11.28 0.29
CA ARG A 203 -3.80 10.44 1.06
C ARG A 203 -3.97 10.72 2.56
N GLN A 204 -4.37 11.94 2.91
CA GLN A 204 -4.59 12.37 4.32
C GLN A 204 -5.89 11.79 4.88
N GLN A 205 -6.85 11.37 4.06
CA GLN A 205 -8.17 10.94 4.60
C GLN A 205 -8.41 9.43 4.42
N VAL A 206 -7.45 8.67 3.88
CA VAL A 206 -7.63 7.23 3.54
C VAL A 206 -6.54 6.39 4.22
N PRO A 207 -6.89 5.35 5.02
CA PRO A 207 -5.89 4.40 5.50
C PRO A 207 -5.19 3.65 4.34
N GLY A 208 -3.86 3.56 4.45
CA GLY A 208 -2.97 3.09 3.37
C GLY A 208 -2.43 4.25 2.54
N GLY A 209 -2.97 5.46 2.72
CA GLY A 209 -2.47 6.68 2.04
C GLY A 209 -0.99 6.88 2.32
N LEU A 210 -0.21 7.26 1.31
CA LEU A 210 1.22 7.64 1.43
C LEU A 210 1.43 9.04 0.85
N LEU A 211 2.16 9.89 1.57
CA LEU A 211 2.74 11.14 1.03
C LEU A 211 3.52 10.79 -0.25
N ARG A 212 3.22 11.45 -1.36
CA ARG A 212 3.99 11.34 -2.62
C ARG A 212 4.83 12.59 -2.79
N PRO A 213 6.15 12.55 -2.50
CA PRO A 213 7.03 13.71 -2.64
C PRO A 213 7.19 14.14 -4.11
N GLN A 214 7.80 15.31 -4.34
CA GLN A 214 7.92 15.95 -5.68
C GLN A 214 8.63 15.02 -6.67
N VAL A 215 9.70 14.35 -6.26
CA VAL A 215 10.54 13.53 -7.18
C VAL A 215 9.73 12.33 -7.73
N LEU A 216 8.70 11.85 -7.03
CA LEU A 216 7.88 10.70 -7.48
C LEU A 216 6.76 11.18 -8.40
N TRP A 217 6.33 12.44 -8.27
CA TRP A 217 5.48 13.13 -9.28
C TRP A 217 6.27 13.37 -10.58
N ASP A 218 7.53 13.80 -10.49
CA ASP A 218 8.44 13.94 -11.66
C ASP A 218 8.50 12.60 -12.39
N GLU A 219 8.73 11.51 -11.64
CA GLU A 219 8.83 10.13 -12.16
C GLU A 219 7.52 9.69 -12.80
N LEU A 220 6.40 9.90 -12.10
CA LEU A 220 5.05 9.48 -12.55
C LEU A 220 4.73 10.12 -13.90
N LEU A 221 4.96 11.43 -14.05
CA LEU A 221 4.55 12.21 -15.24
C LEU A 221 5.50 11.98 -16.43
N ALA A 222 6.66 11.37 -16.19
CA ALA A 222 7.64 10.99 -17.23
C ALA A 222 7.26 9.62 -17.83
N GLU A 223 6.64 8.75 -17.03
CA GLU A 223 6.03 7.46 -17.49
C GLU A 223 4.72 7.74 -18.25
N ALA A 224 4.16 8.95 -18.11
CA ALA A 224 2.86 9.35 -18.71
C ALA A 224 3.01 9.57 -20.22
N LYS A 225 4.22 9.87 -20.71
CA LYS A 225 4.49 10.10 -22.15
C LYS A 225 4.76 8.74 -22.83
N ALA A 226 4.47 8.65 -24.13
CA ALA A 226 4.61 7.43 -24.97
C ALA A 226 6.10 7.07 -25.13
N ALA A 227 6.43 5.78 -24.99
CA ALA A 227 7.79 5.22 -25.19
C ALA A 227 7.86 4.51 -26.54
N PRO A 228 8.95 4.68 -27.33
CA PRO A 228 9.05 4.05 -28.66
C PRO A 228 9.12 2.52 -28.57
N GLY A 229 8.10 1.84 -29.12
CA GLY A 229 7.90 0.39 -29.01
C GLY A 229 7.78 -0.05 -27.56
N GLY A 230 7.14 0.78 -26.73
CA GLY A 230 6.87 0.52 -25.30
C GLY A 230 5.43 0.85 -24.96
N ASP A 231 5.21 1.62 -23.90
CA ASP A 231 3.85 2.05 -23.44
C ASP A 231 3.34 3.19 -24.35
N ARG A 232 2.02 3.27 -24.50
CA ARG A 232 1.31 4.32 -25.29
C ARG A 232 1.17 5.57 -24.42
N GLU A 233 0.76 6.70 -25.01
CA GLU A 233 0.52 7.98 -24.29
C GLU A 233 -0.55 7.75 -23.20
N SER A 234 -0.33 8.31 -22.00
CA SER A 234 -1.32 8.34 -20.90
C SER A 234 -2.18 9.59 -21.04
N PHE A 235 -3.48 9.45 -20.79
CA PHE A 235 -4.44 10.57 -20.77
C PHE A 235 -4.96 10.69 -19.34
N ALA A 236 -5.46 11.87 -19.01
CA ALA A 236 -6.04 12.20 -17.69
C ALA A 236 -7.50 12.60 -17.88
N LEU A 237 -8.35 12.15 -16.96
CA LEU A 237 -9.71 12.68 -16.74
C LEU A 237 -9.68 13.47 -15.44
N LEU A 238 -9.92 14.78 -15.51
CA LEU A 238 -9.74 15.74 -14.40
C LEU A 238 -11.09 16.31 -13.96
N HIS A 239 -11.41 16.14 -12.68
CA HIS A 239 -12.57 16.71 -11.95
C HIS A 239 -12.02 17.60 -10.85
N PRO A 240 -12.74 18.62 -10.35
CA PRO A 240 -12.28 19.40 -9.20
C PRO A 240 -11.85 18.56 -7.98
N ASP A 241 -12.47 17.38 -7.78
CA ASP A 241 -12.31 16.52 -6.56
C ASP A 241 -11.90 15.09 -6.91
N GLY A 242 -11.31 14.87 -8.09
CA GLY A 242 -10.80 13.54 -8.50
C GLY A 242 -10.02 13.58 -9.82
N TYR A 243 -9.16 12.61 -10.07
CA TYR A 243 -8.59 12.37 -11.42
C TYR A 243 -8.48 10.86 -11.66
N ALA A 244 -8.41 10.48 -12.94
CA ALA A 244 -8.01 9.16 -13.45
C ALA A 244 -6.87 9.36 -14.43
N LEU A 245 -5.78 8.59 -14.31
CA LEU A 245 -4.75 8.43 -15.38
C LEU A 245 -5.00 7.10 -16.04
N TYR A 246 -5.04 7.05 -17.37
CA TYR A 246 -5.30 5.81 -18.12
C TYR A 246 -4.49 5.83 -19.41
N ARG A 247 -4.17 4.63 -19.90
CA ARG A 247 -3.49 4.43 -21.22
C ARG A 247 -4.08 3.17 -21.85
N VAL A 248 -4.09 3.11 -23.18
CA VAL A 248 -4.48 1.88 -23.93
C VAL A 248 -3.34 0.89 -23.74
N ASP A 249 -3.66 -0.40 -23.61
CA ASP A 249 -2.68 -1.51 -23.43
C ASP A 249 -1.80 -1.61 -24.69
N ARG A 250 -0.51 -1.94 -24.51
CA ARG A 250 0.49 -2.12 -25.61
C ARG A 250 -0.06 -3.03 -26.70
N THR A 251 -0.56 -4.20 -26.30
CA THR A 251 -0.85 -5.37 -27.17
C THR A 251 -2.35 -5.47 -27.44
N ASP A 252 -3.19 -5.32 -26.41
CA ASP A 252 -4.67 -5.35 -26.52
C ASP A 252 -5.18 -3.91 -26.72
N LEU A 253 -5.52 -3.54 -27.95
CA LEU A 253 -5.88 -2.13 -28.33
C LEU A 253 -7.35 -1.82 -27.99
N LYS A 254 -8.11 -2.78 -27.46
CA LYS A 254 -9.51 -2.58 -27.02
C LYS A 254 -9.59 -2.57 -25.49
N LEU A 255 -8.46 -2.61 -24.79
CA LEU A 255 -8.38 -2.54 -23.30
C LEU A 255 -7.73 -1.22 -22.88
N ALA A 256 -8.42 -0.42 -22.06
CA ALA A 256 -7.83 0.79 -21.41
C ALA A 256 -7.47 0.42 -19.97
N ARG A 257 -6.24 0.68 -19.56
CA ARG A 257 -5.76 0.39 -18.18
C ARG A 257 -5.76 1.71 -17.41
N VAL A 258 -6.60 1.81 -16.37
CA VAL A 258 -6.57 2.94 -15.40
C VAL A 258 -5.42 2.67 -14.43
N SER A 259 -4.32 3.43 -14.54
CA SER A 259 -3.13 3.27 -13.67
C SER A 259 -3.45 3.81 -12.27
N GLU A 260 -4.30 4.84 -12.19
CA GLU A 260 -4.53 5.62 -10.95
C GLU A 260 -5.86 6.37 -11.05
N LEU A 261 -6.73 6.18 -10.07
CA LEU A 261 -7.98 6.97 -9.90
C LEU A 261 -8.09 7.41 -8.44
N ARG A 262 -7.90 8.71 -8.19
CA ARG A 262 -7.99 9.32 -6.85
C ARG A 262 -9.23 10.22 -6.83
N ALA A 263 -10.23 9.86 -6.03
CA ALA A 263 -11.50 10.60 -5.85
C ALA A 263 -11.71 10.88 -4.35
N VAL A 264 -11.92 12.15 -4.01
CA VAL A 264 -12.09 12.67 -2.62
C VAL A 264 -13.58 12.63 -2.25
N THR A 265 -14.48 12.73 -3.22
CA THR A 265 -15.95 12.71 -3.02
C THR A 265 -16.57 11.64 -3.94
N ALA A 266 -17.75 11.15 -3.59
CA ALA A 266 -18.51 10.11 -4.34
C ALA A 266 -18.94 10.67 -5.70
N ASP A 267 -19.23 11.98 -5.76
CA ASP A 267 -19.61 12.68 -7.01
C ASP A 267 -18.43 12.58 -7.99
N ALA A 268 -17.22 12.86 -7.53
CA ALA A 268 -15.99 12.81 -8.36
C ALA A 268 -15.81 11.39 -8.90
N HIS A 269 -15.99 10.38 -8.05
CA HIS A 269 -15.81 8.94 -8.38
C HIS A 269 -16.80 8.52 -9.48
N CYS A 270 -18.07 8.88 -9.35
CA CYS A 270 -19.11 8.55 -10.36
C CYS A 270 -18.80 9.27 -11.68
N ALA A 271 -18.52 10.59 -11.62
CA ALA A 271 -18.23 11.46 -12.78
C ALA A 271 -17.05 10.89 -13.57
N LEU A 272 -16.00 10.45 -12.87
CA LEU A 272 -14.80 9.90 -13.54
C LEU A 272 -15.17 8.59 -14.24
N TRP A 273 -16.02 7.77 -13.61
CA TRP A 273 -16.42 6.46 -14.20
C TRP A 273 -17.37 6.65 -15.39
N ARG A 274 -18.29 7.61 -15.34
CA ARG A 274 -19.13 7.99 -16.51
C ARG A 274 -18.24 8.34 -17.70
N ALA A 275 -17.16 9.10 -17.47
CA ALA A 275 -16.20 9.48 -18.53
C ALA A 275 -15.47 8.24 -19.06
N LEU A 276 -15.02 7.33 -18.17
CA LEU A 276 -14.24 6.13 -18.61
C LEU A 276 -15.16 5.18 -19.40
N ILE A 277 -16.40 4.97 -18.96
CA ILE A 277 -17.40 4.13 -19.69
C ILE A 277 -17.70 4.77 -21.05
N GLY A 278 -17.49 6.08 -21.20
CA GLY A 278 -17.64 6.80 -22.47
C GLY A 278 -16.44 6.63 -23.42
N LEU A 279 -15.45 5.80 -23.10
CA LEU A 279 -14.35 5.49 -24.06
C LEU A 279 -14.85 4.47 -25.09
N ASP A 280 -15.60 4.93 -26.09
CA ASP A 280 -16.42 4.09 -27.00
C ASP A 280 -15.52 3.27 -27.95
N SER A 281 -14.25 3.62 -28.12
CA SER A 281 -13.26 2.82 -28.90
C SER A 281 -12.74 1.61 -28.10
N MET A 282 -13.03 1.51 -26.80
CA MET A 282 -12.57 0.39 -25.94
C MET A 282 -13.72 -0.58 -25.71
N GLU A 283 -13.42 -1.88 -25.55
CA GLU A 283 -14.35 -2.94 -25.09
C GLU A 283 -14.29 -3.03 -23.56
N ARG A 284 -13.08 -2.87 -23.00
CA ARG A 284 -12.78 -3.17 -21.58
C ARG A 284 -11.99 -2.02 -20.95
N ILE A 285 -12.37 -1.68 -19.71
CA ILE A 285 -11.63 -0.80 -18.76
C ILE A 285 -11.22 -1.67 -17.56
N SER A 286 -9.91 -1.76 -17.30
CA SER A 286 -9.39 -2.44 -16.09
C SER A 286 -8.77 -1.40 -15.15
N ILE A 287 -8.89 -1.66 -13.86
CA ILE A 287 -8.27 -0.84 -12.79
C ILE A 287 -7.89 -1.77 -11.64
N ILE A 288 -6.72 -1.52 -11.05
CA ILE A 288 -6.34 -2.10 -9.73
C ILE A 288 -6.86 -1.14 -8.67
N THR A 289 -7.79 -1.63 -7.87
CA THR A 289 -8.55 -0.87 -6.85
C THR A 289 -8.57 -1.69 -5.55
N HIS A 290 -9.51 -1.42 -4.65
CA HIS A 290 -9.64 -2.11 -3.35
C HIS A 290 -10.98 -2.86 -3.32
N PRO A 291 -11.15 -3.87 -2.43
CA PRO A 291 -12.36 -4.67 -2.39
C PRO A 291 -13.68 -3.89 -2.24
N GLN A 292 -13.64 -2.70 -1.65
CA GLN A 292 -14.85 -1.90 -1.31
C GLN A 292 -15.10 -0.82 -2.37
N ASP A 293 -14.41 -0.84 -3.51
CA ASP A 293 -14.68 0.12 -4.61
C ASP A 293 -16.17 0.04 -4.91
N PRO A 294 -16.89 1.19 -4.88
CA PRO A 294 -18.33 1.19 -5.14
C PRO A 294 -18.73 1.08 -6.63
N LEU A 295 -17.77 1.06 -7.55
CA LEU A 295 -18.04 1.03 -9.02
C LEU A 295 -19.11 0.00 -9.36
N PRO A 296 -19.07 -1.24 -8.83
CA PRO A 296 -20.07 -2.23 -9.22
C PRO A 296 -21.51 -1.77 -8.90
N HIS A 297 -21.71 -0.98 -7.85
CA HIS A 297 -23.04 -0.52 -7.37
C HIS A 297 -23.52 0.71 -8.16
N LEU A 298 -22.65 1.34 -8.96
CA LEU A 298 -23.02 2.46 -9.87
C LEU A 298 -23.74 1.93 -11.13
N LEU A 299 -23.71 0.62 -11.36
CA LEU A 299 -24.19 -0.01 -12.63
C LEU A 299 -25.49 -0.76 -12.36
N THR A 300 -26.34 -0.91 -13.38
CA THR A 300 -27.61 -1.69 -13.30
C THR A 300 -27.26 -3.17 -13.14
N ASP A 301 -26.13 -3.60 -13.70
CA ASP A 301 -25.63 -5.00 -13.66
C ASP A 301 -24.29 -5.00 -12.90
N THR A 302 -24.33 -5.25 -11.60
CA THR A 302 -23.11 -5.33 -10.73
C THR A 302 -22.09 -6.30 -11.32
N ARG A 303 -22.53 -7.31 -12.07
CA ARG A 303 -21.66 -8.41 -12.57
C ARG A 303 -20.72 -7.92 -13.68
N LEU A 304 -21.04 -6.81 -14.34
CA LEU A 304 -20.23 -6.29 -15.48
C LEU A 304 -18.83 -5.87 -15.03
N ALA A 305 -18.67 -5.47 -13.77
CA ALA A 305 -17.36 -5.17 -13.15
C ALA A 305 -16.83 -6.45 -12.49
N ARG A 306 -16.23 -7.35 -13.27
CA ARG A 306 -15.65 -8.64 -12.82
C ARG A 306 -14.35 -8.38 -12.04
N THR A 307 -14.14 -9.14 -10.97
CA THR A 307 -12.84 -9.22 -10.27
C THR A 307 -11.99 -10.24 -11.04
N THR A 308 -10.95 -9.78 -11.72
CA THR A 308 -10.08 -10.58 -12.63
C THR A 308 -8.78 -10.96 -11.94
N TRP A 309 -8.49 -10.46 -10.73
CA TRP A 309 -7.20 -10.62 -10.03
C TRP A 309 -7.28 -10.06 -8.60
N ARG A 310 -6.76 -10.78 -7.61
CA ARG A 310 -6.66 -10.32 -6.21
C ARG A 310 -5.30 -10.69 -5.65
N GLN A 311 -4.71 -9.80 -4.88
CA GLN A 311 -3.35 -9.99 -4.34
C GLN A 311 -3.17 -9.08 -3.11
N ASP A 312 -2.30 -9.51 -2.20
CA ASP A 312 -1.79 -8.70 -1.08
C ASP A 312 -1.16 -7.42 -1.67
N GLY A 313 -1.52 -6.25 -1.13
CA GLY A 313 -0.84 -4.99 -1.47
C GLY A 313 0.32 -4.73 -0.53
N LEU A 314 0.10 -3.84 0.43
CA LEU A 314 1.14 -3.36 1.39
C LEU A 314 1.22 -4.34 2.55
N TRP A 315 2.46 -4.66 2.96
CA TRP A 315 2.77 -5.50 4.14
C TRP A 315 3.29 -4.59 5.24
N LEU A 316 2.83 -4.79 6.48
CA LEU A 316 3.25 -3.99 7.66
C LEU A 316 4.02 -4.88 8.63
N ARG A 317 5.10 -4.34 9.20
CA ARG A 317 5.75 -4.88 10.42
C ARG A 317 5.62 -3.81 11.49
N ILE A 318 4.86 -4.08 12.54
CA ILE A 318 4.75 -3.22 13.75
C ILE A 318 6.08 -3.31 14.50
N MET A 319 6.86 -2.24 14.52
CA MET A 319 8.21 -2.20 15.15
C MET A 319 8.01 -2.05 16.67
N ASN A 320 7.12 -1.16 17.05
CA ASN A 320 6.80 -0.79 18.46
C ASN A 320 5.30 -1.01 18.67
N VAL A 321 4.92 -2.11 19.33
CA VAL A 321 3.49 -2.52 19.52
C VAL A 321 2.75 -1.43 20.27
N PRO A 322 3.21 -0.99 21.47
CA PRO A 322 2.50 0.05 22.23
C PRO A 322 2.29 1.36 21.44
N ALA A 323 3.30 1.86 20.72
CA ALA A 323 3.23 3.12 19.96
C ALA A 323 2.21 3.00 18.80
N ALA A 324 2.25 1.90 18.06
CA ALA A 324 1.37 1.65 16.91
C ALA A 324 -0.09 1.53 17.38
N LEU A 325 -0.38 0.69 18.38
CA LEU A 325 -1.77 0.50 18.86
C LEU A 325 -2.32 1.81 19.44
N GLU A 326 -1.50 2.64 20.08
CA GLU A 326 -1.94 3.90 20.71
C GLU A 326 -2.17 4.97 19.64
N ALA A 327 -1.39 4.97 18.56
CA ALA A 327 -1.41 6.00 17.49
C ALA A 327 -2.72 5.96 16.67
N ARG A 328 -3.29 4.79 16.39
CA ARG A 328 -4.47 4.70 15.46
C ARG A 328 -5.77 4.92 16.24
N GLY A 329 -6.82 5.34 15.53
CA GLY A 329 -8.20 5.45 16.03
C GLY A 329 -8.94 4.11 15.94
N TYR A 330 -9.93 3.90 16.79
CA TYR A 330 -10.75 2.66 16.85
C TYR A 330 -12.22 3.05 16.65
N ALA A 331 -13.05 2.05 16.32
CA ALA A 331 -14.51 2.22 16.12
C ALA A 331 -15.14 2.75 17.41
N HIS A 332 -15.88 3.86 17.33
CA HIS A 332 -16.67 4.46 18.45
C HIS A 332 -17.87 3.58 18.80
N GLU A 333 -18.22 2.62 17.95
CA GLU A 333 -19.46 1.79 18.09
C GLU A 333 -19.28 0.77 19.21
N VAL A 334 -18.14 0.08 19.25
CA VAL A 334 -17.78 -0.90 20.32
C VAL A 334 -17.62 -0.15 21.65
N GLY A 335 -18.20 -0.67 22.73
CA GLY A 335 -18.09 -0.07 24.08
C GLY A 335 -16.74 -0.38 24.69
N GLU A 336 -16.30 0.41 25.66
CA GLU A 336 -14.99 0.27 26.33
C GLU A 336 -14.78 -1.19 26.77
N PHE A 337 -13.57 -1.71 26.58
CA PHE A 337 -13.17 -3.09 26.97
C PHE A 337 -11.65 -3.15 27.16
N SER A 338 -11.21 -4.11 27.97
CA SER A 338 -9.80 -4.32 28.39
C SER A 338 -9.43 -5.77 28.14
N THR A 339 -8.19 -6.00 27.76
CA THR A 339 -7.64 -7.36 27.53
C THR A 339 -6.13 -7.30 27.71
N VAL A 340 -5.49 -8.45 27.66
CA VAL A 340 -4.01 -8.57 27.69
C VAL A 340 -3.61 -9.25 26.39
N LEU A 341 -2.83 -8.53 25.57
CA LEU A 341 -2.30 -8.97 24.27
C LEU A 341 -0.84 -9.38 24.44
N GLU A 342 -0.52 -10.63 24.09
CA GLU A 342 0.87 -11.12 23.93
C GLU A 342 1.17 -11.22 22.42
N VAL A 343 2.15 -10.45 21.95
CA VAL A 343 2.84 -10.69 20.64
C VAL A 343 4.01 -11.63 20.91
N SER A 344 4.10 -12.75 20.18
CA SER A 344 5.24 -13.71 20.27
C SER A 344 6.54 -12.93 20.11
N ASP A 345 7.41 -12.99 21.13
CA ASP A 345 8.75 -12.31 21.16
C ASP A 345 8.61 -10.82 20.85
N GLY A 346 7.55 -10.16 21.32
CA GLY A 346 7.24 -8.76 20.98
C GLY A 346 6.67 -7.96 22.15
N GLY A 347 6.53 -8.61 23.32
CA GLY A 347 6.02 -8.01 24.57
C GLY A 347 4.63 -8.51 24.91
N ARG A 348 4.23 -8.32 26.16
CA ARG A 348 2.84 -8.55 26.62
C ARG A 348 2.28 -7.24 27.18
N PHE A 349 1.03 -6.89 26.83
CA PHE A 349 0.46 -5.55 27.08
C PHE A 349 -0.99 -5.64 27.56
N ALA A 350 -1.29 -4.86 28.59
CA ALA A 350 -2.66 -4.47 29.00
C ALA A 350 -3.18 -3.51 27.95
N LEU A 351 -4.18 -3.96 27.18
CA LEU A 351 -4.81 -3.20 26.08
C LEU A 351 -6.21 -2.79 26.52
N LYS A 352 -6.47 -1.49 26.56
CA LYS A 352 -7.77 -0.90 26.97
C LYS A 352 -8.22 0.01 25.82
N ILE A 353 -9.37 -0.30 25.22
CA ILE A 353 -9.92 0.43 24.05
C ILE A 353 -11.27 1.02 24.47
N GLY A 354 -11.48 2.32 24.24
CA GLY A 354 -12.78 2.98 24.43
C GLY A 354 -12.76 4.39 23.87
N ASP A 355 -13.91 4.88 23.39
CA ASP A 355 -14.09 6.22 22.77
C ASP A 355 -13.10 6.39 21.62
N GLY A 356 -12.86 5.31 20.86
CA GLY A 356 -11.99 5.28 19.67
C GLY A 356 -10.51 5.48 19.96
N ARG A 357 -10.08 5.43 21.22
CA ARG A 357 -8.64 5.52 21.61
C ARG A 357 -8.22 4.20 22.29
N ALA A 358 -6.93 3.89 22.27
CA ALA A 358 -6.34 2.74 22.97
C ALA A 358 -5.21 3.23 23.90
N ARG A 359 -5.14 2.65 25.09
CA ARG A 359 -3.97 2.73 26.00
C ARG A 359 -3.36 1.34 26.08
N CYS A 360 -2.04 1.24 25.92
CA CYS A 360 -1.29 -0.03 25.77
C CYS A 360 -0.02 0.05 26.65
N THR A 361 0.02 -0.72 27.74
CA THR A 361 1.01 -0.58 28.83
C THR A 361 1.56 -1.95 29.23
N PRO A 362 2.84 -2.02 29.67
CA PRO A 362 3.45 -3.30 30.06
C PRO A 362 2.63 -4.02 31.14
N THR A 363 2.63 -5.36 31.10
CA THR A 363 1.99 -6.20 32.13
C THR A 363 2.65 -7.58 32.13
N ASP A 364 2.57 -8.29 33.24
CA ASP A 364 3.01 -9.70 33.32
C ASP A 364 1.78 -10.56 33.64
N ALA A 365 0.60 -9.93 33.69
CA ALA A 365 -0.72 -10.59 33.85
C ALA A 365 -0.91 -11.60 32.72
N ALA A 366 -1.76 -12.62 32.96
CA ALA A 366 -2.03 -13.73 32.00
C ALA A 366 -2.57 -13.15 30.69
N ALA A 367 -2.04 -13.62 29.57
CA ALA A 367 -2.43 -13.17 28.20
C ALA A 367 -3.81 -13.77 27.88
N GLU A 368 -4.70 -12.95 27.33
CA GLU A 368 -6.04 -13.35 26.84
C GLU A 368 -6.02 -13.54 25.30
N ILE A 369 -5.08 -12.87 24.61
CA ILE A 369 -4.87 -12.96 23.13
C ILE A 369 -3.38 -13.17 22.86
N GLU A 370 -3.02 -14.22 22.12
CA GLU A 370 -1.64 -14.44 21.59
C GLU A 370 -1.68 -14.32 20.06
N MET A 371 -0.65 -13.71 19.47
CA MET A 371 -0.42 -13.69 18.00
C MET A 371 1.07 -13.41 17.70
N ASP A 372 1.59 -14.00 16.62
CA ASP A 372 2.87 -13.58 16.00
C ASP A 372 2.73 -12.11 15.56
N ARG A 373 3.86 -11.41 15.43
CA ARG A 373 3.92 -9.96 15.09
C ARG A 373 3.27 -9.69 13.72
N ASP A 374 3.42 -10.60 12.74
CA ASP A 374 2.92 -10.41 11.35
C ASP A 374 1.39 -10.30 11.37
N VAL A 375 0.74 -11.11 12.20
CA VAL A 375 -0.74 -11.14 12.37
C VAL A 375 -1.20 -9.75 12.80
N LEU A 376 -0.47 -9.10 13.69
CA LEU A 376 -0.81 -7.73 14.16
C LEU A 376 -0.74 -6.77 12.97
N GLY A 377 0.31 -6.86 12.15
CA GLY A 377 0.46 -6.05 10.92
C GLY A 377 -0.76 -6.19 10.02
N SER A 378 -1.30 -7.40 9.91
CA SER A 378 -2.47 -7.72 9.06
C SER A 378 -3.77 -7.10 9.62
N LEU A 379 -3.91 -6.95 10.94
CA LEU A 379 -5.10 -6.38 11.60
C LEU A 379 -5.03 -4.85 11.62
N TYR A 380 -3.84 -4.28 11.49
CA TYR A 380 -3.56 -2.88 11.91
C TYR A 380 -4.36 -1.87 11.08
N LEU A 381 -4.57 -2.12 9.78
CA LEU A 381 -5.26 -1.16 8.88
C LEU A 381 -6.74 -1.57 8.67
N GLY A 382 -7.18 -2.66 9.31
CA GLY A 382 -8.59 -3.11 9.29
C GLY A 382 -8.98 -3.90 8.04
N ALA A 383 -8.02 -4.39 7.24
CA ALA A 383 -8.27 -5.12 5.98
C ALA A 383 -8.64 -6.59 6.25
N HIS A 384 -8.12 -7.18 7.33
CA HIS A 384 -8.41 -8.58 7.74
C HIS A 384 -9.18 -8.54 9.05
N ARG A 385 -10.09 -9.51 9.25
CA ARG A 385 -10.87 -9.65 10.51
C ARG A 385 -10.14 -10.60 11.47
N ALA A 386 -10.04 -10.20 12.73
CA ALA A 386 -9.51 -11.04 13.83
C ALA A 386 -10.16 -12.42 13.80
N SER A 387 -11.48 -12.50 13.58
CA SER A 387 -12.24 -13.78 13.51
C SER A 387 -11.68 -14.69 12.41
N THR A 388 -11.26 -14.11 11.29
CA THR A 388 -10.73 -14.85 10.13
C THR A 388 -9.35 -15.42 10.51
N LEU A 389 -8.49 -14.60 11.11
CA LEU A 389 -7.15 -15.06 11.55
C LEU A 389 -7.29 -16.06 12.71
N ALA A 390 -8.26 -15.84 13.60
CA ALA A 390 -8.57 -16.75 14.72
C ALA A 390 -8.92 -18.14 14.18
N ALA A 391 -9.77 -18.20 13.14
CA ALA A 391 -10.23 -19.45 12.49
C ALA A 391 -9.04 -20.26 11.94
N ALA A 392 -7.94 -19.60 11.55
CA ALA A 392 -6.72 -20.25 11.01
C ALA A 392 -5.74 -20.54 12.14
N ASN A 393 -6.10 -20.12 13.37
CA ASN A 393 -5.29 -20.27 14.59
C ASN A 393 -4.02 -19.41 14.51
N ARG A 394 -4.03 -18.35 13.71
CA ARG A 394 -2.94 -17.33 13.68
C ARG A 394 -3.07 -16.41 14.90
N LEU A 395 -4.27 -16.37 15.50
CA LEU A 395 -4.66 -15.48 16.63
C LEU A 395 -5.42 -16.30 17.67
N ARG A 396 -4.81 -16.61 18.82
CA ARG A 396 -5.39 -17.49 19.86
C ARG A 396 -6.08 -16.64 20.94
N THR A 397 -7.30 -17.03 21.30
CA THR A 397 -8.01 -16.58 22.52
C THR A 397 -9.01 -17.67 22.94
N LYS A 398 -9.47 -17.65 24.18
CA LYS A 398 -10.48 -18.62 24.71
C LYS A 398 -11.81 -17.90 24.95
N ASP A 399 -11.89 -16.60 24.62
CA ASP A 399 -13.12 -15.77 24.74
C ASP A 399 -13.56 -15.30 23.34
N SER A 400 -14.72 -15.74 22.87
CA SER A 400 -15.25 -15.38 21.53
C SER A 400 -15.90 -13.98 21.58
N GLN A 401 -16.38 -13.56 22.75
CA GLN A 401 -16.84 -12.17 23.02
C GLN A 401 -15.69 -11.20 22.73
N LEU A 402 -14.49 -11.51 23.20
CA LEU A 402 -13.29 -10.65 23.06
C LEU A 402 -12.89 -10.58 21.58
N LEU A 403 -13.08 -11.68 20.85
CA LEU A 403 -12.80 -11.77 19.39
C LEU A 403 -13.71 -10.82 18.61
N ARG A 404 -15.02 -10.83 18.87
CA ARG A 404 -16.01 -9.92 18.26
C ARG A 404 -15.64 -8.47 18.55
N ARG A 405 -15.24 -8.18 19.77
CA ARG A 405 -14.89 -6.81 20.25
C ARG A 405 -13.62 -6.33 19.54
N LEU A 406 -12.61 -7.21 19.49
CA LEU A 406 -11.36 -6.97 18.74
C LEU A 406 -11.72 -6.65 17.29
N ASP A 407 -12.45 -7.58 16.66
CA ASP A 407 -12.99 -7.48 15.28
C ASP A 407 -13.56 -6.08 15.02
N ALA A 408 -14.52 -5.64 15.83
CA ALA A 408 -15.28 -4.39 15.59
C ALA A 408 -14.38 -3.17 15.83
N ALA A 409 -13.54 -3.24 16.88
CA ALA A 409 -12.65 -2.12 17.28
C ALA A 409 -11.61 -1.84 16.18
N PHE A 410 -11.02 -2.88 15.59
CA PHE A 410 -9.90 -2.73 14.62
C PHE A 410 -10.42 -2.43 13.20
N ALA A 411 -11.68 -2.73 12.90
CA ALA A 411 -12.35 -2.37 11.62
C ALA A 411 -12.19 -0.86 11.37
N SER A 412 -12.08 -0.48 10.09
CA SER A 412 -11.86 0.90 9.61
C SER A 412 -13.15 1.44 8.96
N ASP A 413 -13.67 2.56 9.44
CA ASP A 413 -14.85 3.24 8.85
C ASP A 413 -14.59 3.48 7.35
N VAL A 414 -13.49 4.17 7.05
CA VAL A 414 -13.00 4.42 5.66
C VAL A 414 -12.30 3.15 5.21
N PRO A 415 -12.69 2.56 4.05
CA PRO A 415 -12.03 1.36 3.54
C PRO A 415 -10.52 1.59 3.30
N VAL A 416 -9.70 0.60 3.61
CA VAL A 416 -8.22 0.67 3.38
C VAL A 416 -7.97 0.52 1.88
N GLN A 417 -7.15 1.43 1.33
CA GLN A 417 -6.69 1.44 -0.08
C GLN A 417 -5.16 1.29 -0.11
N THR A 418 -4.57 1.14 -1.29
CA THR A 418 -3.11 1.04 -1.51
C THR A 418 -2.67 2.25 -2.34
N ALA A 419 -1.68 3.02 -1.84
CA ALA A 419 -1.28 4.32 -2.39
C ALA A 419 -0.48 4.13 -3.70
N PHE A 420 0.72 3.56 -3.60
CA PHE A 420 1.62 3.35 -4.75
C PHE A 420 2.71 2.38 -4.33
N GLU A 421 3.15 1.56 -5.28
CA GLU A 421 4.19 0.52 -5.09
C GLU A 421 5.53 1.22 -4.87
N PHE A 422 6.36 0.68 -3.98
CA PHE A 422 7.73 1.16 -3.69
C PHE A 422 8.61 -0.07 -3.44
C10 RMJ B . 10.10 -2.51 -6.84
C12 RMJ B . 11.28 -3.07 -8.67
C13 RMJ B . 12.20 -1.92 -9.13
N01 RMJ B . 11.72 1.75 -4.35
C02 RMJ B . 12.00 1.91 -5.76
N03 RMJ B . 11.06 1.74 -6.68
C04 RMJ B . 11.31 1.89 -7.99
S05 RMJ B . 10.00 1.67 -9.21
C06 RMJ B . 9.29 -0.01 -9.12
C07 RMJ B . 8.18 -0.17 -8.06
N08 RMJ B . 7.97 -1.43 -7.36
C09 RMJ B . 8.79 -2.61 -7.61
N11 RMJ B . 11.01 -3.20 -7.26
C14 RMJ B . 12.93 -1.32 -8.06
C15 RMJ B . 13.32 -2.24 -7.02
C16 RMJ B . 12.17 -3.05 -6.41
O17 RMJ B . 7.48 0.75 -7.81
N18 RMJ B . 12.51 2.20 -8.44
C19 RMJ B . 13.52 2.39 -7.58
S20 RMJ B . 15.12 2.77 -7.80
C21 RMJ B . 13.31 2.25 -6.22
C22 RMJ B . 14.51 2.49 -5.35
C23 RMJ B . 15.65 2.82 -6.18
C24 RMJ B . 16.84 3.06 -5.29
C25 RMJ B . 16.20 3.38 -3.95
C26 RMJ B . 14.94 2.51 -3.89
C1 PEG C . 3.06 17.25 -2.21
O1 PEG C . 4.15 16.54 -2.78
C2 PEG C . 2.32 18.08 -3.22
O2 PEG C . 1.55 19.07 -2.56
C3 PEG C . 0.39 19.48 -3.27
C4 PEG C . -0.30 20.61 -2.56
O4 PEG C . -1.60 20.28 -2.07
C1 PEG D . -11.04 4.70 -5.51
O1 PEG D . -12.22 4.55 -4.73
C2 PEG D . -10.59 3.40 -6.13
O2 PEG D . -9.71 3.62 -7.22
C3 PEG D . -8.34 3.29 -6.92
C4 PEG D . -7.50 3.26 -8.18
O4 PEG D . -6.14 3.64 -7.98
C1 GOL E . 2.91 21.95 -1.10
O1 GOL E . 2.14 22.24 0.07
C2 GOL E . 2.76 22.99 -2.18
O2 GOL E . 1.56 23.75 -1.97
C3 GOL E . 2.74 22.42 -3.59
O3 GOL E . 3.83 21.53 -3.82
C1 GOL F . 11.47 -4.98 17.14
O1 GOL F . 11.30 -3.62 16.74
C2 GOL F . 12.86 -5.51 16.83
O2 GOL F . 12.78 -6.92 16.63
C3 GOL F . 13.53 -4.86 15.64
O3 GOL F . 14.91 -5.21 15.53
S SO4 G . -11.99 4.43 12.47
O1 SO4 G . -11.62 4.55 11.07
O2 SO4 G . -11.18 5.34 13.26
O3 SO4 G . -11.77 3.08 12.92
O4 SO4 G . -13.38 4.79 12.62
S SO4 H . 22.52 6.20 1.28
O1 SO4 H . 21.57 7.02 2.00
O2 SO4 H . 23.82 6.85 1.29
O3 SO4 H . 22.08 6.03 -0.08
O4 SO4 H . 22.64 4.91 1.91
C1 GOL I . 18.32 11.50 2.42
O1 GOL I . 17.89 12.52 3.32
C2 GOL I . 19.13 12.08 1.28
O2 GOL I . 19.50 11.03 0.40
C3 GOL I . 18.38 13.16 0.50
O3 GOL I . 19.24 13.84 -0.40
S DMS J . -2.56 -7.60 -12.97
O DMS J . -3.26 -8.86 -13.37
C1 DMS J . -2.51 -6.57 -14.42
C2 DMS J . -0.83 -7.98 -12.88
S SO4 K . -5.25 -17.49 25.29
O1 SO4 K . -4.67 -18.21 26.39
O2 SO4 K . -4.35 -16.43 24.90
O3 SO4 K . -6.51 -16.94 25.69
O4 SO4 K . -5.44 -18.39 24.18
S DMS L . -6.52 0.92 -4.49
O DMS L . -6.26 0.38 -3.11
C1 DMS L . -5.07 0.53 -5.46
C2 DMS L . -6.33 2.68 -4.41
NA NA M . -8.32 -8.02 31.42
#